data_2NAL
#
_entry.id   2NAL
#
_entity_poly.entity_id   1
_entity_poly.type   'polypeptide(L)'
_entity_poly.pdbx_seq_one_letter_code
;RLFDKIRQVIRK
;
_entity_poly.pdbx_strand_id   A
#
# COMPACT_ATOMS: atom_id res chain seq x y z
N ARG A 1 6.31 -6.30 -2.36
CA ARG A 1 4.88 -6.54 -2.32
C ARG A 1 4.19 -5.89 -3.51
N LEU A 2 3.09 -6.50 -3.96
CA LEU A 2 2.33 -5.99 -5.09
C LEU A 2 1.16 -5.14 -4.63
N PHE A 3 0.78 -5.30 -3.36
CA PHE A 3 -0.33 -4.55 -2.81
C PHE A 3 0.13 -3.74 -1.59
N ASP A 4 0.93 -4.36 -0.74
CA ASP A 4 1.43 -3.69 0.45
C ASP A 4 2.19 -2.42 0.09
N LYS A 5 3.06 -2.51 -0.91
CA LYS A 5 3.84 -1.36 -1.36
C LYS A 5 2.93 -0.17 -1.66
N ILE A 6 1.70 -0.46 -2.09
CA ILE A 6 0.75 0.59 -2.40
C ILE A 6 -0.08 0.97 -1.18
N ARG A 7 -0.39 -0.03 -0.35
CA ARG A 7 -1.17 0.19 0.86
C ARG A 7 -0.60 1.35 1.68
N GLN A 8 0.71 1.30 1.92
CA GLN A 8 1.38 2.34 2.70
C GLN A 8 1.09 3.72 2.12
N VAL A 9 0.81 3.76 0.81
CA VAL A 9 0.52 5.01 0.13
C VAL A 9 -0.95 5.41 0.31
N ILE A 10 -1.81 4.41 0.41
CA ILE A 10 -3.23 4.65 0.59
C ILE A 10 -3.51 5.40 1.88
N ARG A 11 -3.07 4.83 3.00
CA ARG A 11 -3.27 5.44 4.31
C ARG A 11 -4.76 5.64 4.60
N LYS A 12 -5.58 4.75 4.06
CA LYS A 12 -7.03 4.82 4.26
C LYS A 12 -7.37 4.94 5.74
N ARG A 1 6.63 -5.66 -2.82
CA ARG A 1 5.30 -6.25 -2.76
C ARG A 1 4.42 -5.72 -3.89
N LEU A 2 3.36 -6.45 -4.21
CA LEU A 2 2.44 -6.06 -5.27
C LEU A 2 1.23 -5.33 -4.69
N PHE A 3 0.97 -5.54 -3.41
CA PHE A 3 -0.15 -4.90 -2.74
C PHE A 3 0.32 -4.05 -1.55
N ASP A 4 1.23 -4.62 -0.76
CA ASP A 4 1.76 -3.94 0.40
C ASP A 4 2.38 -2.60 0.01
N LYS A 5 3.19 -2.62 -1.04
CA LYS A 5 3.85 -1.41 -1.53
C LYS A 5 2.83 -0.29 -1.75
N ILE A 6 1.62 -0.67 -2.12
CA ILE A 6 0.55 0.30 -2.36
C ILE A 6 -0.22 0.61 -1.08
N ARG A 7 -0.40 -0.42 -0.24
CA ARG A 7 -1.11 -0.26 1.01
C ARG A 7 -0.59 0.93 1.80
N GLN A 8 0.73 0.98 1.97
CA GLN A 8 1.36 2.07 2.70
C GLN A 8 0.92 3.43 2.15
N VAL A 9 0.56 3.45 0.87
CA VAL A 9 0.12 4.68 0.23
C VAL A 9 -1.36 4.94 0.50
N ILE A 10 -2.13 3.87 0.64
CA ILE A 10 -3.56 3.99 0.90
C ILE A 10 -3.82 4.71 2.22
N ARG A 11 -3.29 4.16 3.30
CA ARG A 11 -3.46 4.76 4.62
C ARG A 11 -4.94 4.83 4.99
N LYS A 12 -5.72 3.89 4.49
CA LYS A 12 -7.16 3.85 4.77
C LYS A 12 -7.61 2.43 5.08
N ARG A 1 6.71 -5.51 -2.79
CA ARG A 1 5.40 -6.14 -2.72
C ARG A 1 4.49 -5.64 -3.84
N LEU A 2 3.45 -6.41 -4.15
CA LEU A 2 2.51 -6.04 -5.19
C LEU A 2 1.29 -5.34 -4.61
N PHE A 3 1.05 -5.54 -3.32
CA PHE A 3 -0.09 -4.93 -2.64
C PHE A 3 0.38 -4.08 -1.46
N ASP A 4 1.30 -4.63 -0.68
CA ASP A 4 1.83 -3.91 0.48
C ASP A 4 2.43 -2.57 0.07
N LYS A 5 3.23 -2.59 -0.99
CA LYS A 5 3.86 -1.37 -1.48
C LYS A 5 2.82 -0.27 -1.69
N ILE A 6 1.61 -0.66 -2.04
CA ILE A 6 0.53 0.29 -2.27
C ILE A 6 -0.23 0.58 -0.99
N ARG A 7 -0.38 -0.44 -0.15
CA ARG A 7 -1.10 -0.29 1.12
C ARG A 7 -0.58 0.92 1.89
N GLN A 8 0.75 1.00 2.05
CA GLN A 8 1.36 2.10 2.77
C GLN A 8 0.89 3.44 2.21
N VAL A 9 0.52 3.45 0.94
CA VAL A 9 0.04 4.67 0.29
C VAL A 9 -1.43 4.91 0.57
N ILE A 10 -2.18 3.82 0.73
CA ILE A 10 -3.61 3.92 1.01
C ILE A 10 -3.87 4.65 2.32
N ARG A 11 -3.31 4.12 3.41
CA ARG A 11 -3.48 4.71 4.73
C ARG A 11 -4.96 4.77 5.10
N LYS A 12 -5.74 3.83 4.60
CA LYS A 12 -7.16 3.76 4.89
C LYS A 12 -7.59 2.34 5.22
N ARG A 1 6.70 -5.69 -2.81
CA ARG A 1 5.34 -6.18 -2.67
C ARG A 1 4.46 -5.66 -3.80
N LEU A 2 3.43 -6.42 -4.13
CA LEU A 2 2.50 -6.03 -5.20
C LEU A 2 1.28 -5.33 -4.62
N PHE A 3 1.02 -5.53 -3.34
CA PHE A 3 -0.12 -4.92 -2.67
C PHE A 3 0.34 -4.06 -1.51
N ASP A 4 1.27 -4.59 -0.71
CA ASP A 4 1.79 -3.87 0.45
C ASP A 4 2.39 -2.53 0.03
N LYS A 5 3.16 -2.55 -1.06
CA LYS A 5 3.79 -1.34 -1.57
C LYS A 5 2.77 -0.23 -1.77
N ILE A 6 1.54 -0.62 -2.10
CA ILE A 6 0.47 0.34 -2.33
C ILE A 6 -0.28 0.65 -1.04
N ARG A 7 -0.41 -0.37 -0.18
CA ARG A 7 -1.10 -0.21 1.09
C ARG A 7 -0.59 1.00 1.84
N GLN A 8 0.74 1.08 1.99
CA GLN A 8 1.37 2.19 2.69
C GLN A 8 0.90 3.53 2.13
N VAL A 9 0.50 3.53 0.86
CA VAL A 9 0.02 4.74 0.21
C VAL A 9 -1.44 4.99 0.51
N ILE A 10 -2.20 3.91 0.69
CA ILE A 10 -3.62 4.01 0.98
C ILE A 10 -3.86 4.74 2.30
N ARG A 11 -3.29 4.21 3.38
CA ARG A 11 -3.44 4.82 4.70
C ARG A 11 -4.91 4.88 5.10
N LYS A 12 -5.69 3.92 4.64
CA LYS A 12 -7.11 3.86 4.94
C LYS A 12 -7.54 2.44 5.29
N ARG A 1 6.46 -6.10 -2.33
CA ARG A 1 5.04 -6.43 -2.28
C ARG A 1 4.31 -5.84 -3.49
N LEU A 2 3.22 -6.50 -3.88
CA LEU A 2 2.43 -6.05 -5.02
C LEU A 2 1.23 -5.22 -4.56
N PHE A 3 0.88 -5.36 -3.28
CA PHE A 3 -0.24 -4.62 -2.72
C PHE A 3 0.21 -3.76 -1.54
N ASP A 4 1.04 -4.34 -0.68
CA ASP A 4 1.54 -3.63 0.50
C ASP A 4 2.26 -2.36 0.08
N LYS A 5 3.13 -2.46 -0.91
CA LYS A 5 3.88 -1.31 -1.41
C LYS A 5 2.96 -0.15 -1.72
N ILE A 6 1.73 -0.47 -2.13
CA ILE A 6 0.74 0.55 -2.46
C ILE A 6 -0.07 0.95 -1.23
N ARG A 7 -0.35 -0.03 -0.38
CA ARG A 7 -1.12 0.22 0.84
C ARG A 7 -0.57 1.41 1.60
N GLN A 8 0.74 1.39 1.84
CA GLN A 8 1.40 2.47 2.57
C GLN A 8 1.09 3.82 1.95
N VAL A 9 0.80 3.82 0.65
CA VAL A 9 0.47 5.04 -0.06
C VAL A 9 -0.99 5.41 0.12
N ILE A 10 -1.84 4.40 0.26
CA ILE A 10 -3.27 4.62 0.44
C ILE A 10 -3.55 5.41 1.71
N ARG A 11 -3.09 4.89 2.85
CA ARG A 11 -3.28 5.55 4.13
C ARG A 11 -4.76 5.73 4.43
N LYS A 12 -5.58 4.79 3.95
CA LYS A 12 -7.02 4.85 4.17
C LYS A 12 -7.34 5.04 5.65
N ARG A 1 6.75 -6.57 -3.25
CA ARG A 1 5.35 -6.51 -2.87
C ARG A 1 4.52 -5.84 -3.97
N LEU A 2 3.44 -6.51 -4.38
CA LEU A 2 2.57 -5.98 -5.42
C LEU A 2 1.37 -5.27 -4.81
N PHE A 3 1.17 -5.47 -3.51
CA PHE A 3 0.05 -4.83 -2.81
C PHE A 3 0.54 -3.97 -1.67
N ASP A 4 1.44 -4.52 -0.84
CA ASP A 4 1.98 -3.80 0.29
C ASP A 4 2.53 -2.44 -0.14
N LYS A 5 3.30 -2.44 -1.23
CA LYS A 5 3.87 -1.20 -1.74
C LYS A 5 2.81 -0.13 -1.94
N ILE A 6 1.59 -0.57 -2.24
CA ILE A 6 0.48 0.35 -2.45
C ILE A 6 -0.26 0.63 -1.14
N ARG A 7 -0.36 -0.39 -0.29
CA ARG A 7 -1.03 -0.26 0.99
C ARG A 7 -0.52 0.97 1.75
N GLN A 8 0.81 1.07 1.87
CA GLN A 8 1.42 2.19 2.57
C GLN A 8 0.90 3.52 2.03
N VAL A 9 0.49 3.52 0.76
CA VAL A 9 -0.02 4.73 0.13
C VAL A 9 -1.50 4.93 0.46
N ILE A 10 -2.23 3.83 0.64
CA ILE A 10 -3.64 3.90 0.96
C ILE A 10 -3.87 4.62 2.29
N ARG A 11 -3.28 4.10 3.35
CA ARG A 11 -3.41 4.69 4.67
C ARG A 11 -4.88 4.71 5.11
N LYS A 12 -5.65 3.74 4.64
CA LYS A 12 -7.07 3.65 4.97
C LYS A 12 -7.45 2.22 5.33
N ARG A 1 6.26 -5.78 -2.55
CA ARG A 1 4.88 -6.25 -2.46
C ARG A 1 4.00 -5.55 -3.50
N LEU A 2 3.13 -6.32 -4.13
CA LEU A 2 2.23 -5.77 -5.14
C LEU A 2 0.99 -5.15 -4.50
N PHE A 3 0.95 -5.19 -3.16
CA PHE A 3 -0.17 -4.63 -2.42
C PHE A 3 0.32 -3.79 -1.24
N ASP A 4 1.11 -4.41 -0.36
CA ASP A 4 1.64 -3.72 0.80
C ASP A 4 2.33 -2.42 0.39
N LYS A 5 3.20 -2.50 -0.62
CA LYS A 5 3.92 -1.34 -1.10
C LYS A 5 2.95 -0.21 -1.46
N ILE A 6 1.73 -0.58 -1.83
CA ILE A 6 0.72 0.40 -2.20
C ILE A 6 -0.08 0.85 -0.98
N ARG A 7 -0.33 -0.08 -0.06
CA ARG A 7 -1.08 0.21 1.15
C ARG A 7 -0.52 1.46 1.84
N GLN A 8 0.79 1.48 2.06
CA GLN A 8 1.43 2.61 2.71
C GLN A 8 1.07 3.92 2.02
N VAL A 9 0.76 3.84 0.73
CA VAL A 9 0.39 5.02 -0.04
C VAL A 9 -1.08 5.37 0.16
N ILE A 10 -1.91 4.35 0.38
CA ILE A 10 -3.33 4.54 0.58
C ILE A 10 -3.60 5.40 1.81
N ARG A 11 -3.10 4.94 2.96
CA ARG A 11 -3.28 5.66 4.22
C ARG A 11 -4.77 5.82 4.54
N LYS A 12 -5.56 4.85 4.12
CA LYS A 12 -7.00 4.89 4.37
C LYS A 12 -7.29 5.12 5.84
N ARG A 1 6.40 -5.52 -2.60
CA ARG A 1 5.04 -6.06 -2.55
C ARG A 1 4.16 -5.42 -3.63
N LEU A 2 3.12 -6.14 -4.04
CA LEU A 2 2.21 -5.65 -5.06
C LEU A 2 0.97 -5.02 -4.43
N PHE A 3 0.91 -5.06 -3.11
CA PHE A 3 -0.21 -4.49 -2.37
C PHE A 3 0.27 -3.63 -1.22
N ASP A 4 1.15 -4.19 -0.40
CA ASP A 4 1.69 -3.46 0.74
C ASP A 4 2.35 -2.16 0.31
N LYS A 5 3.21 -2.25 -0.70
CA LYS A 5 3.91 -1.08 -1.22
C LYS A 5 2.92 0.03 -1.59
N ILE A 6 1.70 -0.37 -1.94
CA ILE A 6 0.67 0.58 -2.31
C ILE A 6 -0.14 1.03 -1.10
N ARG A 7 -0.35 0.11 -0.16
CA ARG A 7 -1.10 0.41 1.05
C ARG A 7 -0.58 1.68 1.72
N GLN A 8 0.74 1.72 1.92
CA GLN A 8 1.38 2.88 2.55
C GLN A 8 0.97 4.17 1.84
N VAL A 9 0.65 4.06 0.56
CA VAL A 9 0.26 5.22 -0.23
C VAL A 9 -1.22 5.54 -0.03
N ILE A 10 -2.02 4.51 0.21
CA ILE A 10 -3.45 4.68 0.43
C ILE A 10 -3.72 5.55 1.65
N ARG A 11 -3.22 5.12 2.80
CA ARG A 11 -3.40 5.85 4.05
C ARG A 11 -4.88 5.99 4.38
N LYS A 12 -5.66 5.00 3.98
CA LYS A 12 -7.11 5.00 4.23
C LYS A 12 -7.39 5.26 5.70
N ARG A 1 6.31 -5.66 -3.07
CA ARG A 1 4.98 -6.23 -2.96
C ARG A 1 4.00 -5.53 -3.89
N LEU A 2 3.13 -6.31 -4.53
CA LEU A 2 2.14 -5.76 -5.45
C LEU A 2 0.92 -5.24 -4.70
N PHE A 3 0.96 -5.35 -3.37
CA PHE A 3 -0.15 -4.88 -2.54
C PHE A 3 0.38 -4.08 -1.35
N ASP A 4 1.23 -4.71 -0.56
CA ASP A 4 1.81 -4.05 0.62
C ASP A 4 2.41 -2.69 0.24
N LYS A 5 3.22 -2.69 -0.82
CA LYS A 5 3.86 -1.47 -1.27
C LYS A 5 2.83 -0.37 -1.53
N ILE A 6 1.61 -0.78 -1.85
CA ILE A 6 0.53 0.16 -2.11
C ILE A 6 -0.23 0.51 -0.83
N ARG A 7 -0.36 -0.47 0.05
CA ARG A 7 -1.06 -0.27 1.31
C ARG A 7 -0.55 0.99 2.03
N GLN A 8 0.78 1.07 2.16
CA GLN A 8 1.40 2.22 2.83
C GLN A 8 0.92 3.52 2.21
N VAL A 9 0.54 3.48 0.95
CA VAL A 9 0.06 4.66 0.24
C VAL A 9 -1.42 4.91 0.52
N ILE A 10 -2.17 3.83 0.75
CA ILE A 10 -3.59 3.92 1.03
C ILE A 10 -3.84 4.72 2.31
N ARG A 11 -3.28 4.24 3.41
CA ARG A 11 -3.43 4.91 4.70
C ARG A 11 -4.90 4.97 5.10
N LYS A 12 -5.68 4.00 4.65
CA LYS A 12 -7.10 3.95 4.95
C LYS A 12 -7.53 2.54 5.35
N ARG A 1 6.51 -5.87 -2.78
CA ARG A 1 5.10 -6.21 -2.62
C ARG A 1 4.24 -5.50 -3.67
N LEU A 2 3.20 -6.18 -4.14
CA LEU A 2 2.31 -5.62 -5.14
C LEU A 2 1.07 -5.02 -4.48
N PHE A 3 1.03 -5.06 -3.15
CA PHE A 3 -0.10 -4.52 -2.41
C PHE A 3 0.39 -3.67 -1.23
N ASP A 4 1.24 -4.25 -0.40
CA ASP A 4 1.78 -3.54 0.76
C ASP A 4 2.41 -2.22 0.33
N LYS A 5 3.26 -2.27 -0.68
CA LYS A 5 3.93 -1.08 -1.18
C LYS A 5 2.92 0.02 -1.54
N ILE A 6 1.70 -0.41 -1.88
CA ILE A 6 0.64 0.53 -2.24
C ILE A 6 -0.15 0.96 -1.00
N ARG A 7 -0.36 0.02 -0.09
CA ARG A 7 -1.10 0.30 1.14
C ARG A 7 -0.57 1.56 1.82
N GLN A 8 0.74 1.62 2.01
CA GLN A 8 1.37 2.77 2.66
C GLN A 8 0.97 4.06 1.97
N VAL A 9 0.64 3.97 0.68
CA VAL A 9 0.23 5.13 -0.09
C VAL A 9 -1.25 5.45 0.12
N ILE A 10 -2.04 4.41 0.36
CA ILE A 10 -3.47 4.57 0.58
C ILE A 10 -3.74 5.42 1.81
N ARG A 11 -3.22 4.97 2.95
CA ARG A 11 -3.40 5.70 4.21
C ARG A 11 -4.88 5.83 4.55
N LYS A 12 -5.66 4.84 4.14
CA LYS A 12 -7.10 4.83 4.41
C LYS A 12 -7.38 5.07 5.89
N ARG A 1 6.34 -5.78 -2.21
CA ARG A 1 4.97 -6.26 -2.20
C ARG A 1 4.20 -5.73 -3.41
N LEU A 2 3.13 -6.42 -3.77
CA LEU A 2 2.31 -6.02 -4.91
C LEU A 2 1.10 -5.20 -4.45
N PHE A 3 0.73 -5.35 -3.18
CA PHE A 3 -0.39 -4.61 -2.63
C PHE A 3 0.05 -3.75 -1.44
N ASP A 4 0.84 -4.35 -0.56
CA ASP A 4 1.34 -3.65 0.62
C ASP A 4 2.10 -2.38 0.22
N LYS A 5 2.94 -2.50 -0.80
CA LYS A 5 3.73 -1.38 -1.29
C LYS A 5 2.83 -0.19 -1.61
N ILE A 6 1.61 -0.47 -2.04
CA ILE A 6 0.66 0.58 -2.38
C ILE A 6 -0.17 0.99 -1.16
N ARG A 7 -0.49 0.02 -0.32
CA ARG A 7 -1.27 0.27 0.89
C ARG A 7 -0.69 1.45 1.68
N GLN A 8 0.62 1.39 1.94
CA GLN A 8 1.29 2.44 2.68
C GLN A 8 1.02 3.81 2.07
N VAL A 9 0.75 3.82 0.76
CA VAL A 9 0.47 5.06 0.05
C VAL A 9 -0.99 5.47 0.22
N ILE A 10 -1.88 4.48 0.34
CA ILE A 10 -3.29 4.74 0.51
C ILE A 10 -3.57 5.53 1.78
N ARG A 11 -3.14 4.97 2.92
CA ARG A 11 -3.33 5.63 4.20
C ARG A 11 -4.81 5.84 4.49
N LYS A 12 -5.66 4.96 3.94
CA LYS A 12 -7.10 5.05 4.14
C LYS A 12 -7.44 5.15 5.62
N ARG A 1 6.69 -5.68 -2.66
CA ARG A 1 5.36 -6.28 -2.59
C ARG A 1 4.47 -5.75 -3.71
N LEU A 2 3.44 -6.53 -4.05
CA LEU A 2 2.50 -6.13 -5.10
C LEU A 2 1.27 -5.47 -4.51
N PHE A 3 1.05 -5.67 -3.22
CA PHE A 3 -0.10 -5.08 -2.54
C PHE A 3 0.36 -4.21 -1.36
N ASP A 4 1.19 -4.78 -0.51
CA ASP A 4 1.70 -4.06 0.66
C ASP A 4 2.34 -2.73 0.25
N LYS A 5 3.15 -2.78 -0.81
CA LYS A 5 3.81 -1.58 -1.31
C LYS A 5 2.81 -0.45 -1.53
N ILE A 6 1.58 -0.82 -1.87
CA ILE A 6 0.53 0.16 -2.11
C ILE A 6 -0.22 0.50 -0.83
N ARG A 7 -0.34 -0.49 0.05
CA ARG A 7 -1.03 -0.30 1.32
C ARG A 7 -0.53 0.95 2.04
N GLN A 8 0.80 1.06 2.17
CA GLN A 8 1.40 2.20 2.83
C GLN A 8 0.91 3.50 2.23
N VAL A 9 0.52 3.46 0.96
CA VAL A 9 0.02 4.63 0.26
C VAL A 9 -1.47 4.84 0.51
N ILE A 10 -2.19 3.74 0.72
CA ILE A 10 -3.62 3.80 0.98
C ILE A 10 -3.92 4.61 2.23
N ARG A 11 -3.37 4.17 3.36
CA ARG A 11 -3.58 4.85 4.63
C ARG A 11 -5.06 4.90 4.98
N LYS A 12 -5.80 3.88 4.56
CA LYS A 12 -7.24 3.81 4.83
C LYS A 12 -7.67 2.37 5.10
N ARG A 1 6.35 -5.84 -2.20
CA ARG A 1 4.97 -6.33 -2.16
C ARG A 1 4.17 -5.81 -3.34
N LEU A 2 3.08 -6.48 -3.67
CA LEU A 2 2.23 -6.08 -4.78
C LEU A 2 1.05 -5.25 -4.29
N PHE A 3 0.77 -5.33 -2.98
CA PHE A 3 -0.32 -4.58 -2.39
C PHE A 3 0.18 -3.70 -1.24
N ASP A 4 1.00 -4.28 -0.38
CA ASP A 4 1.55 -3.56 0.76
C ASP A 4 2.28 -2.31 0.31
N LYS A 5 3.12 -2.46 -0.71
CA LYS A 5 3.90 -1.35 -1.24
C LYS A 5 2.98 -0.16 -1.58
N ILE A 6 1.74 -0.47 -1.95
CA ILE A 6 0.78 0.55 -2.30
C ILE A 6 -0.01 1.01 -1.07
N ARG A 7 -0.26 0.07 -0.16
CA ARG A 7 -1.00 0.38 1.07
C ARG A 7 -0.42 1.61 1.75
N GLN A 8 0.89 1.61 1.96
CA GLN A 8 1.57 2.73 2.61
C GLN A 8 1.20 4.04 1.92
N VAL A 9 0.87 3.97 0.64
CA VAL A 9 0.51 5.16 -0.13
C VAL A 9 -0.97 5.50 0.04
N ILE A 10 -1.79 4.47 0.25
CA ILE A 10 -3.22 4.65 0.43
C ILE A 10 -3.52 5.51 1.65
N ARG A 11 -3.10 5.03 2.82
CA ARG A 11 -3.32 5.75 4.06
C ARG A 11 -4.81 5.96 4.31
N LYS A 12 -5.64 5.18 3.64
CA LYS A 12 -7.09 5.27 3.79
C LYS A 12 -7.55 6.72 3.65
N ARG A 1 6.41 -6.10 -2.53
CA ARG A 1 4.98 -6.39 -2.44
C ARG A 1 4.20 -5.64 -3.52
N LEU A 2 3.17 -6.27 -4.05
CA LEU A 2 2.35 -5.67 -5.10
C LEU A 2 1.09 -5.03 -4.50
N PHE A 3 0.99 -5.09 -3.17
CA PHE A 3 -0.16 -4.51 -2.47
C PHE A 3 0.29 -3.67 -1.28
N ASP A 4 1.07 -4.29 -0.39
CA ASP A 4 1.57 -3.60 0.79
C ASP A 4 2.26 -2.29 0.41
N LYS A 5 3.15 -2.36 -0.58
CA LYS A 5 3.87 -1.17 -1.04
C LYS A 5 2.91 -0.06 -1.42
N ILE A 6 1.70 -0.45 -1.83
CA ILE A 6 0.68 0.52 -2.22
C ILE A 6 -0.15 0.95 -1.02
N ARG A 7 -0.41 0.02 -0.12
CA ARG A 7 -1.20 0.29 1.08
C ARG A 7 -0.70 1.56 1.77
N GLN A 8 0.61 1.60 2.02
CA GLN A 8 1.22 2.75 2.69
C GLN A 8 0.85 4.05 1.99
N VAL A 9 0.57 3.95 0.69
CA VAL A 9 0.20 5.13 -0.10
C VAL A 9 -1.29 5.45 0.05
N ILE A 10 -2.09 4.41 0.25
CA ILE A 10 -3.53 4.58 0.42
C ILE A 10 -3.84 5.43 1.65
N ARG A 11 -3.38 4.99 2.80
CA ARG A 11 -3.61 5.71 4.05
C ARG A 11 -5.10 5.85 4.34
N LYS A 12 -5.87 4.88 3.86
CA LYS A 12 -7.32 4.87 4.06
C LYS A 12 -7.65 5.07 5.53
N ARG A 1 6.47 -5.80 -2.47
CA ARG A 1 5.07 -6.22 -2.43
C ARG A 1 4.30 -5.66 -3.63
N LEU A 2 3.23 -6.35 -4.02
CA LEU A 2 2.40 -5.92 -5.14
C LEU A 2 1.21 -5.10 -4.66
N PHE A 3 0.85 -5.28 -3.39
CA PHE A 3 -0.28 -4.57 -2.80
C PHE A 3 0.17 -3.75 -1.60
N ASP A 4 0.99 -4.35 -0.76
CA ASP A 4 1.48 -3.66 0.44
C ASP A 4 2.22 -2.39 0.06
N LYS A 5 3.05 -2.46 -0.97
CA LYS A 5 3.82 -1.32 -1.44
C LYS A 5 2.90 -0.13 -1.72
N ILE A 6 1.67 -0.43 -2.14
CA ILE A 6 0.70 0.62 -2.44
C ILE A 6 -0.11 0.98 -1.21
N ARG A 7 -0.41 -0.03 -0.39
CA ARG A 7 -1.18 0.19 0.83
C ARG A 7 -0.61 1.35 1.64
N GLN A 8 0.70 1.30 1.89
CA GLN A 8 1.38 2.34 2.65
C GLN A 8 1.07 3.72 2.08
N VAL A 9 0.78 3.76 0.78
CA VAL A 9 0.47 5.01 0.11
C VAL A 9 -0.99 5.41 0.31
N ILE A 10 -1.85 4.40 0.42
CA ILE A 10 -3.27 4.64 0.61
C ILE A 10 -3.54 5.38 1.92
N ARG A 11 -3.10 4.78 3.02
CA ARG A 11 -3.29 5.38 4.34
C ARG A 11 -4.77 5.57 4.65
N LYS A 12 -5.60 4.78 3.99
CA LYS A 12 -7.05 4.85 4.19
C LYS A 12 -7.39 4.86 5.68
#